data_6IAI
#
_entry.id   6IAI
#
_cell.length_a   92.960
_cell.length_b   92.960
_cell.length_c   156.000
_cell.angle_alpha   90.00
_cell.angle_beta   90.00
_cell.angle_gamma   90.00
#
_symmetry.space_group_name_H-M   'P 43 2 2'
#
loop_
_entity.id
_entity.type
_entity.pdbx_description
1 polymer 'Protein of uncharacterized function (DUF1076)'
2 water water
#
_entity_poly.entity_id   1
_entity_poly.type   'polypeptide(L)'
_entity_poly.pdbx_seq_one_letter_code
;MGSSHHHHHHSSGLVPRGSHMFLTFPNVAITRDNRIDKLSENDLELIRDTAIQNGGRKIQVQLRDLLYEVSNRAVEGDNN
TFKVSFSTTDRAMFRERHIEWQGNAIRLERQLNTGLNVSRG
;
_entity_poly.pdbx_strand_id   A,B,C,D
#
# COMPACT_ATOMS: atom_id res chain seq x y z
N HIS A 8 -0.41 -14.50 -7.33
CA HIS A 8 -1.17 -13.47 -8.07
C HIS A 8 -0.62 -13.29 -9.48
N HIS A 9 -1.48 -12.82 -10.39
CA HIS A 9 -1.16 -12.57 -11.79
C HIS A 9 -0.72 -11.10 -11.97
N HIS A 10 -0.11 -10.53 -10.92
CA HIS A 10 0.42 -9.17 -10.97
C HIS A 10 1.80 -9.15 -10.34
N SER A 11 2.57 -8.11 -10.64
CA SER A 11 3.93 -7.92 -10.13
C SER A 11 3.95 -7.88 -8.59
N SER A 12 5.03 -8.42 -7.99
CA SER A 12 5.27 -8.38 -6.56
C SER A 12 5.62 -6.97 -6.04
N GLY A 13 5.82 -6.02 -6.96
CA GLY A 13 6.09 -4.61 -6.66
C GLY A 13 4.81 -3.82 -6.50
N LEU A 14 3.68 -4.47 -6.82
CA LEU A 14 2.34 -3.91 -6.69
C LEU A 14 1.61 -4.68 -5.56
N VAL A 15 0.87 -3.95 -4.75
CA VAL A 15 0.06 -4.53 -3.66
C VAL A 15 -1.36 -3.96 -3.79
N PRO A 16 -2.40 -4.64 -3.26
CA PRO A 16 -3.74 -4.04 -3.33
C PRO A 16 -3.79 -2.73 -2.54
N ARG A 17 -4.48 -1.75 -3.08
CA ARG A 17 -4.75 -0.51 -2.38
C ARG A 17 -5.63 -0.87 -1.16
N GLY A 18 -5.27 -0.29 -0.02
CA GLY A 18 -5.96 -0.47 1.23
C GLY A 18 -7.05 0.56 1.44
N SER A 19 -7.90 0.31 2.40
CA SER A 19 -9.01 1.13 2.83
C SER A 19 -9.13 1.03 4.34
N HIS A 20 -9.57 2.13 4.98
CA HIS A 20 -9.81 2.12 6.42
C HIS A 20 -11.04 1.25 6.79
N MET A 21 -11.87 0.94 5.78
CA MET A 21 -13.02 0.04 5.89
C MET A 21 -12.62 -1.42 6.11
N PHE A 22 -11.37 -1.78 5.76
CA PHE A 22 -10.87 -3.15 5.84
C PHE A 22 -9.43 -3.19 6.36
N LEU A 23 -9.25 -3.52 7.63
CA LEU A 23 -7.91 -3.60 8.20
C LEU A 23 -7.41 -5.04 8.21
N THR A 24 -6.18 -5.27 7.80
CA THR A 24 -5.64 -6.62 7.71
C THR A 24 -4.37 -6.71 8.55
N PHE A 25 -4.31 -7.69 9.43
CA PHE A 25 -3.18 -7.90 10.34
C PHE A 25 -2.54 -9.23 9.98
N PRO A 26 -1.34 -9.12 9.34
CA PRO A 26 -0.71 -10.31 8.73
C PRO A 26 -0.07 -11.33 9.68
N ASN A 27 0.75 -10.85 10.60
CA ASN A 27 1.51 -11.70 11.50
C ASN A 27 0.81 -11.91 12.83
N VAL A 28 -0.51 -12.22 12.82
CA VAL A 28 -1.27 -12.43 14.04
C VAL A 28 -0.89 -13.77 14.64
N ALA A 29 -0.35 -13.70 15.86
CA ALA A 29 0.09 -14.84 16.65
C ALA A 29 -1.08 -15.73 17.02
N ILE A 30 -0.89 -17.04 16.83
CA ILE A 30 -1.86 -18.07 17.16
C ILE A 30 -1.39 -18.83 18.39
N THR A 31 -2.36 -19.17 19.26
CA THR A 31 -2.26 -19.93 20.49
C THR A 31 -2.36 -21.42 20.13
N ARG A 32 -1.80 -22.31 20.98
CA ARG A 32 -1.84 -23.76 20.75
C ARG A 32 -3.28 -24.31 20.73
N ASP A 33 -4.28 -23.56 21.25
CA ASP A 33 -5.68 -23.98 21.18
C ASP A 33 -6.41 -23.47 19.88
N ASN A 34 -5.63 -23.00 18.86
CA ASN A 34 -6.14 -22.55 17.55
C ASN A 34 -7.01 -21.25 17.68
N ARG A 35 -6.49 -20.30 18.47
CA ARG A 35 -7.13 -19.04 18.76
C ARG A 35 -6.12 -17.93 18.59
N ILE A 36 -6.60 -16.69 18.39
CA ILE A 36 -5.73 -15.54 18.27
C ILE A 36 -5.07 -15.24 19.64
N ASP A 37 -3.81 -14.88 19.62
CA ASP A 37 -3.11 -14.47 20.83
C ASP A 37 -3.41 -12.98 20.99
N LYS A 38 -2.74 -12.32 21.95
CA LYS A 38 -2.91 -10.90 22.21
C LYS A 38 -2.30 -10.07 21.04
N LEU A 39 -3.12 -9.18 20.41
CA LEU A 39 -2.65 -8.28 19.35
C LEU A 39 -1.79 -7.21 20.01
N SER A 40 -0.94 -6.50 19.24
CA SER A 40 -0.13 -5.43 19.83
C SER A 40 -1.05 -4.26 20.23
N GLU A 41 -0.56 -3.35 21.08
CA GLU A 41 -1.32 -2.18 21.49
C GLU A 41 -1.55 -1.24 20.32
N ASN A 42 -0.56 -1.12 19.40
CA ASN A 42 -0.66 -0.30 18.18
C ASN A 42 -1.77 -0.85 17.27
N ASP A 43 -1.90 -2.19 17.16
CA ASP A 43 -2.93 -2.88 16.37
C ASP A 43 -4.32 -2.60 16.92
N LEU A 44 -4.48 -2.76 18.25
CA LEU A 44 -5.72 -2.48 18.96
C LEU A 44 -6.11 -1.00 18.87
N GLU A 45 -5.13 -0.09 18.96
CA GLU A 45 -5.39 1.35 18.84
C GLU A 45 -5.80 1.72 17.43
N LEU A 46 -5.19 1.09 16.42
CA LEU A 46 -5.58 1.30 15.03
C LEU A 46 -7.05 0.82 14.82
N ILE A 47 -7.42 -0.35 15.34
CA ILE A 47 -8.79 -0.87 15.21
C ILE A 47 -9.79 0.07 15.90
N ARG A 48 -9.49 0.47 17.16
CA ARG A 48 -10.31 1.39 17.97
C ARG A 48 -10.50 2.71 17.25
N ASP A 49 -9.39 3.40 16.86
CA ASP A 49 -9.45 4.69 16.14
C ASP A 49 -10.23 4.61 14.84
N THR A 50 -10.04 3.54 14.05
CA THR A 50 -10.76 3.35 12.78
C THR A 50 -12.25 3.16 13.01
N ALA A 51 -12.64 2.33 14.02
CA ALA A 51 -14.04 2.09 14.36
C ALA A 51 -14.68 3.41 14.85
N ILE A 52 -13.95 4.17 15.69
CA ILE A 52 -14.41 5.47 16.18
C ILE A 52 -14.72 6.42 15.01
N GLN A 53 -13.76 6.58 14.05
CA GLN A 53 -13.90 7.45 12.88
C GLN A 53 -15.09 7.07 12.01
N ASN A 54 -15.60 5.81 12.13
CA ASN A 54 -16.72 5.33 11.34
C ASN A 54 -18.08 5.42 12.10
N GLY A 55 -18.04 6.12 13.24
CA GLY A 55 -19.17 6.42 14.12
C GLY A 55 -20.24 5.36 14.33
N GLY A 56 -19.84 4.19 14.84
CA GLY A 56 -20.77 3.10 15.13
C GLY A 56 -21.11 2.19 13.96
N ARG A 57 -20.67 2.56 12.75
CA ARG A 57 -20.85 1.74 11.54
C ARG A 57 -19.72 0.76 11.50
N LYS A 58 -20.01 -0.45 11.07
CA LYS A 58 -19.04 -1.52 11.03
C LYS A 58 -17.87 -1.31 10.06
N ILE A 59 -16.67 -1.67 10.54
CA ILE A 59 -15.45 -1.77 9.76
C ILE A 59 -15.14 -3.29 9.74
N GLN A 60 -14.32 -3.73 8.79
CA GLN A 60 -13.91 -5.13 8.72
C GLN A 60 -12.46 -5.28 9.12
N VAL A 61 -12.18 -6.37 9.83
CA VAL A 61 -10.84 -6.68 10.34
C VAL A 61 -10.50 -8.12 9.93
N GLN A 62 -9.37 -8.28 9.21
CA GLN A 62 -8.91 -9.59 8.80
C GLN A 62 -7.77 -10.00 9.72
N LEU A 63 -8.01 -11.10 10.47
CA LEU A 63 -7.05 -11.72 11.40
C LEU A 63 -6.82 -13.11 10.83
N ARG A 64 -5.57 -13.37 10.35
CA ARG A 64 -5.22 -14.61 9.65
C ARG A 64 -6.07 -14.66 8.36
N ASP A 65 -6.95 -15.65 8.25
CA ASP A 65 -7.81 -15.83 7.08
C ASP A 65 -9.31 -15.61 7.37
N LEU A 66 -9.66 -15.12 8.57
CA LEU A 66 -11.06 -14.86 8.89
C LEU A 66 -11.35 -13.36 9.01
N LEU A 67 -12.60 -12.97 8.68
CA LEU A 67 -13.09 -11.60 8.72
C LEU A 67 -13.98 -11.40 9.93
N TYR A 68 -13.77 -10.26 10.60
CA TYR A 68 -14.49 -9.80 11.79
C TYR A 68 -15.05 -8.43 11.53
N GLU A 69 -16.25 -8.16 12.05
CA GLU A 69 -16.92 -6.86 11.95
C GLU A 69 -16.79 -6.17 13.26
N VAL A 70 -16.26 -4.94 13.26
CA VAL A 70 -16.09 -4.21 14.50
C VAL A 70 -16.71 -2.81 14.39
N SER A 71 -17.36 -2.38 15.48
CA SER A 71 -17.96 -1.07 15.60
C SER A 71 -17.76 -0.55 17.00
N ASN A 72 -17.73 0.76 17.14
CA ASN A 72 -17.72 1.38 18.46
C ASN A 72 -19.22 1.68 18.79
N ARG A 73 -19.55 2.45 19.85
CA ARG A 73 -20.96 2.74 20.22
C ARG A 73 -21.73 1.42 20.44
N ALA A 74 -21.09 0.47 21.12
CA ALA A 74 -21.68 -0.83 21.39
C ALA A 74 -22.88 -0.65 22.36
N VAL A 75 -22.75 0.33 23.28
CA VAL A 75 -23.75 0.77 24.23
C VAL A 75 -23.88 2.31 24.14
N GLU A 76 -25.08 2.85 24.42
CA GLU A 76 -25.37 4.29 24.48
C GLU A 76 -24.65 4.86 25.69
N GLY A 77 -24.23 6.11 25.61
CA GLY A 77 -23.54 6.76 26.71
C GLY A 77 -22.03 6.76 26.60
N ASP A 78 -21.47 5.65 26.08
CA ASP A 78 -20.02 5.48 25.94
C ASP A 78 -19.67 5.03 24.52
N ASN A 79 -19.09 5.95 23.73
CA ASN A 79 -18.71 5.72 22.33
C ASN A 79 -17.51 4.80 22.21
N ASN A 80 -16.63 4.78 23.24
CA ASN A 80 -15.44 3.94 23.27
C ASN A 80 -15.71 2.57 23.88
N THR A 81 -16.78 1.94 23.40
CA THR A 81 -17.16 0.58 23.72
C THR A 81 -17.18 -0.10 22.37
N PHE A 82 -16.60 -1.31 22.26
CA PHE A 82 -16.49 -1.98 20.96
C PHE A 82 -17.13 -3.33 20.94
N LYS A 83 -17.85 -3.60 19.85
CA LYS A 83 -18.54 -4.86 19.57
C LYS A 83 -17.88 -5.57 18.38
N VAL A 84 -17.71 -6.90 18.51
CA VAL A 84 -17.14 -7.77 17.48
C VAL A 84 -18.16 -8.81 17.10
N SER A 85 -18.46 -8.89 15.81
CA SER A 85 -19.34 -9.89 15.21
C SER A 85 -18.68 -10.43 13.94
N PHE A 86 -19.35 -11.33 13.24
CA PHE A 86 -18.88 -11.87 11.98
C PHE A 86 -20.07 -12.33 11.19
N SER A 87 -19.97 -12.31 9.86
CA SER A 87 -21.05 -12.77 8.99
C SER A 87 -20.47 -13.35 7.73
N THR A 88 -21.17 -14.36 7.18
CA THR A 88 -20.80 -15.01 5.92
C THR A 88 -22.01 -15.63 5.20
N THR A 89 -21.89 -15.82 3.88
CA THR A 89 -22.92 -16.47 3.07
C THR A 89 -22.56 -17.94 2.87
N ASP A 90 -21.25 -18.27 2.59
CA ASP A 90 -20.84 -19.64 2.33
C ASP A 90 -20.90 -20.53 3.59
N ARG A 91 -21.84 -21.50 3.50
CA ARG A 91 -22.20 -22.51 4.50
C ARG A 91 -21.02 -23.41 4.83
N ALA A 92 -20.21 -23.77 3.81
CA ALA A 92 -19.02 -24.62 3.94
C ALA A 92 -18.01 -24.00 4.91
N MET A 93 -17.70 -22.69 4.76
CA MET A 93 -16.77 -21.99 5.66
C MET A 93 -17.35 -21.86 7.06
N PHE A 94 -18.65 -21.50 7.17
CA PHE A 94 -19.26 -21.39 8.48
C PHE A 94 -19.27 -22.75 9.19
N ARG A 95 -19.71 -23.82 8.49
CA ARG A 95 -19.77 -25.24 8.94
C ARG A 95 -18.44 -25.69 9.52
N GLU A 96 -17.35 -25.33 8.80
CA GLU A 96 -15.97 -25.66 9.07
C GLU A 96 -15.29 -24.78 10.13
N ARG A 97 -15.65 -23.48 10.22
CA ARG A 97 -14.90 -22.55 11.10
C ARG A 97 -15.66 -21.86 12.24
N HIS A 98 -17.00 -21.97 12.32
CA HIS A 98 -17.81 -21.25 13.31
C HIS A 98 -17.28 -21.26 14.74
N ILE A 99 -16.74 -22.40 15.23
CA ILE A 99 -16.23 -22.50 16.60
C ILE A 99 -15.05 -21.56 16.80
N GLU A 100 -13.97 -21.65 15.98
CA GLU A 100 -12.80 -20.77 16.16
C GLU A 100 -13.13 -19.33 15.84
N TRP A 101 -14.00 -19.12 14.84
CA TRP A 101 -14.45 -17.80 14.44
C TRP A 101 -15.08 -17.07 15.62
N GLN A 102 -16.06 -17.71 16.31
CA GLN A 102 -16.74 -17.19 17.51
C GLN A 102 -15.80 -16.93 18.68
N GLY A 103 -14.90 -17.87 18.96
CA GLY A 103 -13.90 -17.76 20.02
C GLY A 103 -12.94 -16.63 19.81
N ASN A 104 -12.52 -16.43 18.55
CA ASN A 104 -11.61 -15.36 18.17
C ASN A 104 -12.34 -14.01 18.26
N ALA A 105 -13.63 -13.99 17.87
CA ALA A 105 -14.48 -12.80 17.94
C ALA A 105 -14.60 -12.32 19.38
N ILE A 106 -14.78 -13.27 20.36
CA ILE A 106 -14.84 -13.01 21.81
C ILE A 106 -13.53 -12.39 22.27
N ARG A 107 -12.40 -13.00 21.88
CA ARG A 107 -11.05 -12.58 22.26
C ARG A 107 -10.72 -11.20 21.76
N LEU A 108 -11.06 -10.93 20.48
CA LEU A 108 -10.86 -9.61 19.89
C LEU A 108 -11.65 -8.54 20.66
N GLU A 109 -12.93 -8.81 20.96
CA GLU A 109 -13.79 -7.91 21.75
C GLU A 109 -13.21 -7.62 23.14
N ARG A 110 -12.75 -8.67 23.81
CA ARG A 110 -12.13 -8.60 25.13
C ARG A 110 -10.90 -7.72 25.08
N GLN A 111 -10.03 -7.89 24.06
CA GLN A 111 -8.82 -7.07 23.92
C GLN A 111 -9.12 -5.60 23.59
N LEU A 112 -10.14 -5.37 22.72
CA LEU A 112 -10.55 -4.02 22.34
C LEU A 112 -11.08 -3.20 23.52
N ASN A 113 -11.80 -3.86 24.47
CA ASN A 113 -12.40 -3.19 25.62
C ASN A 113 -11.55 -3.26 26.90
N THR A 114 -10.43 -4.02 26.91
CA THR A 114 -9.51 -4.02 28.05
C THR A 114 -8.42 -3.01 27.76
N HIS B 8 -5.24 9.93 8.50
CA HIS B 8 -6.33 9.98 9.47
C HIS B 8 -5.82 10.40 10.88
N HIS B 9 -5.73 9.46 11.84
CA HIS B 9 -5.19 9.72 13.19
C HIS B 9 -3.78 9.12 13.28
N HIS B 10 -3.14 9.02 12.10
CA HIS B 10 -1.81 8.50 11.79
C HIS B 10 -1.21 9.39 10.68
N SER B 11 0.09 9.26 10.44
CA SER B 11 0.84 9.98 9.43
C SER B 11 0.28 9.73 8.01
N SER B 12 0.35 10.76 7.16
CA SER B 12 -0.05 10.66 5.74
C SER B 12 0.96 9.82 4.90
N GLY B 13 2.10 9.44 5.49
CA GLY B 13 3.12 8.62 4.88
C GLY B 13 2.87 7.14 5.12
N LEU B 14 1.85 6.86 5.93
CA LEU B 14 1.38 5.51 6.23
C LEU B 14 -0.01 5.33 5.61
N VAL B 15 -0.24 4.17 5.02
CA VAL B 15 -1.55 3.85 4.42
C VAL B 15 -2.01 2.49 4.97
N PRO B 16 -3.32 2.19 4.95
CA PRO B 16 -3.74 0.85 5.43
C PRO B 16 -3.18 -0.22 4.52
N ARG B 17 -2.71 -1.31 5.09
CA ARG B 17 -2.31 -2.48 4.34
C ARG B 17 -3.58 -3.03 3.67
N GLY B 18 -3.45 -3.36 2.39
CA GLY B 18 -4.49 -3.94 1.56
C GLY B 18 -4.44 -5.46 1.58
N SER B 19 -5.52 -6.07 1.12
CA SER B 19 -5.74 -7.49 1.00
C SER B 19 -6.45 -7.77 -0.32
N HIS B 20 -6.17 -8.95 -0.91
CA HIS B 20 -6.85 -9.38 -2.14
C HIS B 20 -8.35 -9.69 -1.90
N MET B 21 -8.71 -9.88 -0.61
CA MET B 21 -10.09 -10.09 -0.17
C MET B 21 -10.96 -8.83 -0.31
N PHE B 22 -10.33 -7.65 -0.37
CA PHE B 22 -11.02 -6.37 -0.42
C PHE B 22 -10.36 -5.42 -1.42
N LEU B 23 -10.92 -5.28 -2.61
CA LEU B 23 -10.33 -4.42 -3.64
C LEU B 23 -11.03 -3.08 -3.64
N THR B 24 -10.26 -2.00 -3.67
CA THR B 24 -10.83 -0.66 -3.60
C THR B 24 -10.38 0.14 -4.87
N PHE B 25 -11.37 0.69 -5.57
CA PHE B 25 -11.17 1.45 -6.80
C PHE B 25 -11.59 2.89 -6.52
N PRO B 26 -10.57 3.77 -6.38
CA PRO B 26 -10.84 5.13 -5.86
C PRO B 26 -11.52 6.12 -6.81
N ASN B 27 -11.00 6.23 -8.02
CA ASN B 27 -11.46 7.21 -9.00
C ASN B 27 -12.44 6.57 -9.98
N VAL B 28 -13.48 5.90 -9.45
CA VAL B 28 -14.50 5.27 -10.28
C VAL B 28 -15.42 6.34 -10.79
N ALA B 29 -15.47 6.44 -12.13
CA ALA B 29 -16.28 7.40 -12.84
C ALA B 29 -17.76 7.17 -12.60
N ILE B 30 -18.48 8.25 -12.30
CA ILE B 30 -19.92 8.25 -12.10
C ILE B 30 -20.55 8.86 -13.32
N THR B 31 -21.49 8.12 -13.84
CA THR B 31 -22.31 8.41 -14.99
C THR B 31 -23.37 9.37 -14.49
N ARG B 32 -24.14 9.97 -15.41
CA ARG B 32 -25.09 11.00 -15.05
C ARG B 32 -26.53 10.49 -14.81
N ASP B 33 -26.62 9.28 -14.23
CA ASP B 33 -27.87 8.68 -13.75
C ASP B 33 -27.61 8.16 -12.33
N ASN B 34 -26.48 8.64 -11.71
CA ASN B 34 -25.99 8.28 -10.37
C ASN B 34 -25.63 6.76 -10.35
N ARG B 35 -24.88 6.34 -11.39
CA ARG B 35 -24.46 4.97 -11.61
C ARG B 35 -23.00 4.94 -11.97
N ILE B 36 -22.35 3.77 -11.77
CA ILE B 36 -20.96 3.60 -12.14
C ILE B 36 -20.81 3.61 -13.66
N ASP B 37 -19.77 4.24 -14.15
CA ASP B 37 -19.47 4.25 -15.58
C ASP B 37 -18.66 2.94 -15.83
N LYS B 38 -18.14 2.77 -17.03
CA LYS B 38 -17.34 1.62 -17.40
C LYS B 38 -15.98 1.65 -16.68
N LEU B 39 -15.63 0.58 -15.93
CA LEU B 39 -14.34 0.47 -15.24
C LEU B 39 -13.29 0.16 -16.32
N SER B 40 -12.01 0.40 -16.02
CA SER B 40 -10.91 0.10 -16.94
C SER B 40 -10.78 -1.42 -17.11
N GLU B 41 -10.25 -1.87 -18.27
CA GLU B 41 -10.03 -3.29 -18.52
C GLU B 41 -9.09 -3.86 -17.48
N ASN B 42 -8.09 -3.08 -17.02
CA ASN B 42 -7.15 -3.48 -15.97
C ASN B 42 -7.89 -3.72 -14.65
N ASP B 43 -8.86 -2.84 -14.30
CA ASP B 43 -9.69 -2.96 -13.10
C ASP B 43 -10.56 -4.22 -13.14
N LEU B 44 -11.25 -4.44 -14.28
CA LEU B 44 -12.07 -5.64 -14.51
C LEU B 44 -11.23 -6.91 -14.48
N GLU B 45 -10.02 -6.88 -15.08
CA GLU B 45 -9.13 -8.04 -15.06
C GLU B 45 -8.63 -8.34 -13.66
N LEU B 46 -8.35 -7.29 -12.85
CA LEU B 46 -7.94 -7.47 -11.47
C LEU B 46 -9.11 -8.14 -10.67
N ILE B 47 -10.35 -7.67 -10.86
CA ILE B 47 -11.49 -8.23 -10.16
C ILE B 47 -11.69 -9.71 -10.54
N ARG B 48 -11.69 -9.99 -11.88
CA ARG B 48 -11.82 -11.33 -12.45
C ARG B 48 -10.76 -12.29 -11.91
N ASP B 49 -9.46 -11.93 -12.06
CA ASP B 49 -8.35 -12.75 -11.56
C ASP B 49 -8.43 -13.04 -10.07
N THR B 50 -8.76 -12.03 -9.26
CA THR B 50 -8.87 -12.18 -7.80
C THR B 50 -10.02 -13.11 -7.44
N ALA B 51 -11.20 -12.94 -8.09
CA ALA B 51 -12.37 -13.81 -7.86
C ALA B 51 -12.04 -15.26 -8.26
N ILE B 52 -11.34 -15.45 -9.41
CA ILE B 52 -10.91 -16.76 -9.88
C ILE B 52 -10.03 -17.46 -8.83
N GLN B 53 -8.99 -16.75 -8.36
CA GLN B 53 -8.04 -17.26 -7.36
C GLN B 53 -8.70 -17.62 -6.02
N ASN B 54 -9.93 -17.13 -5.77
CA ASN B 54 -10.70 -17.41 -4.54
C ASN B 54 -11.73 -18.53 -4.74
N GLY B 55 -11.65 -19.19 -5.88
CA GLY B 55 -12.46 -20.34 -6.30
C GLY B 55 -13.92 -20.38 -5.92
N GLY B 56 -14.69 -19.38 -6.37
CA GLY B 56 -16.13 -19.33 -6.12
C GLY B 56 -16.53 -18.67 -4.82
N ARG B 57 -15.57 -18.44 -3.91
CA ARG B 57 -15.83 -17.75 -2.65
C ARG B 57 -15.79 -16.26 -2.93
N LYS B 58 -16.66 -15.53 -2.26
CA LYS B 58 -16.79 -14.09 -2.44
C LYS B 58 -15.57 -13.28 -2.03
N ILE B 59 -15.26 -12.26 -2.86
CA ILE B 59 -14.28 -11.20 -2.58
C ILE B 59 -15.12 -9.94 -2.48
N GLN B 60 -14.58 -8.90 -1.82
CA GLN B 60 -15.30 -7.63 -1.71
C GLN B 60 -14.65 -6.58 -2.59
N VAL B 61 -15.48 -5.75 -3.20
CA VAL B 61 -15.05 -4.71 -4.10
C VAL B 61 -15.72 -3.40 -3.67
N GLN B 62 -14.91 -2.38 -3.38
CA GLN B 62 -15.41 -1.08 -3.01
C GLN B 62 -15.31 -0.19 -4.23
N LEU B 63 -16.46 0.29 -4.70
CA LEU B 63 -16.59 1.20 -5.84
C LEU B 63 -17.19 2.44 -5.25
N ARG B 64 -16.44 3.55 -5.31
CA ARG B 64 -16.82 4.81 -4.66
C ARG B 64 -16.95 4.52 -3.13
N ASP B 65 -18.16 4.65 -2.58
CA ASP B 65 -18.39 4.42 -1.16
C ASP B 65 -19.30 3.20 -0.87
N LEU B 66 -19.59 2.37 -1.89
CA LEU B 66 -20.40 1.16 -1.67
C LEU B 66 -19.59 -0.11 -1.85
N LEU B 67 -19.97 -1.19 -1.12
CA LEU B 67 -19.34 -2.51 -1.14
C LEU B 67 -20.15 -3.48 -1.96
N TYR B 68 -19.46 -4.25 -2.79
CA TYR B 68 -20.02 -5.29 -3.67
C TYR B 68 -19.32 -6.61 -3.40
N GLU B 69 -20.05 -7.70 -3.50
CA GLU B 69 -19.52 -9.05 -3.32
C GLU B 69 -19.44 -9.69 -4.68
N VAL B 70 -18.26 -10.20 -5.05
CA VAL B 70 -18.09 -10.81 -6.35
C VAL B 70 -17.45 -12.20 -6.22
N SER B 71 -17.98 -13.15 -7.01
CA SER B 71 -17.47 -14.51 -7.09
C SER B 71 -17.49 -14.98 -8.50
N ASN B 72 -16.58 -15.90 -8.85
CA ASN B 72 -16.59 -16.54 -10.17
C ASN B 72 -17.45 -17.79 -9.95
N ARG B 73 -17.43 -18.79 -10.87
CA ARG B 73 -18.25 -20.03 -10.71
C ARG B 73 -19.72 -19.68 -10.46
N ALA B 74 -20.25 -18.70 -11.22
CA ALA B 74 -21.65 -18.28 -11.10
C ALA B 74 -22.53 -19.44 -11.62
N VAL B 75 -22.00 -20.17 -12.63
CA VAL B 75 -22.57 -21.39 -13.24
C VAL B 75 -21.46 -22.45 -13.32
N GLU B 76 -21.86 -23.73 -13.24
CA GLU B 76 -21.00 -24.90 -13.32
C GLU B 76 -20.44 -24.98 -14.73
N GLY B 77 -19.23 -25.50 -14.86
CA GLY B 77 -18.56 -25.71 -16.15
C GLY B 77 -17.67 -24.59 -16.63
N ASP B 78 -18.06 -23.36 -16.32
CA ASP B 78 -17.33 -22.17 -16.74
C ASP B 78 -16.98 -21.32 -15.54
N ASN B 79 -15.67 -21.41 -15.18
CA ASN B 79 -14.96 -20.74 -14.09
C ASN B 79 -14.86 -19.23 -14.30
N ASN B 80 -14.95 -18.79 -15.58
CA ASN B 80 -14.92 -17.37 -15.94
C ASN B 80 -16.33 -16.78 -16.15
N THR B 81 -17.24 -17.07 -15.19
CA THR B 81 -18.60 -16.51 -15.10
C THR B 81 -18.71 -15.83 -13.72
N PHE B 82 -19.11 -14.56 -13.69
CA PHE B 82 -19.10 -13.78 -12.44
C PHE B 82 -20.46 -13.31 -11.98
N LYS B 83 -20.69 -13.41 -10.66
CA LYS B 83 -21.89 -12.97 -9.98
C LYS B 83 -21.56 -11.80 -9.04
N VAL B 84 -22.44 -10.78 -9.02
CA VAL B 84 -22.32 -9.61 -8.18
C VAL B 84 -23.55 -9.50 -7.30
N SER B 85 -23.31 -9.41 -5.98
CA SER B 85 -24.33 -9.21 -4.96
C SER B 85 -23.83 -8.13 -3.97
N PHE B 86 -24.62 -7.83 -2.94
CA PHE B 86 -24.24 -6.89 -1.89
C PHE B 86 -25.00 -7.26 -0.64
N SER B 87 -24.42 -6.94 0.51
CA SER B 87 -25.05 -7.23 1.80
C SER B 87 -24.69 -6.16 2.81
N THR B 88 -25.62 -5.85 3.71
CA THR B 88 -25.44 -4.88 4.79
C THR B 88 -26.36 -5.16 5.99
N THR B 89 -25.89 -4.77 7.19
CA THR B 89 -26.66 -4.82 8.45
C THR B 89 -27.24 -3.40 8.64
N ASP B 90 -26.55 -2.36 8.10
CA ASP B 90 -26.89 -0.94 8.12
C ASP B 90 -28.20 -0.66 7.34
N ARG B 91 -29.36 -0.74 8.03
CA ARG B 91 -30.69 -0.50 7.46
C ARG B 91 -30.86 0.93 6.94
N ALA B 92 -30.23 1.92 7.61
CA ALA B 92 -30.24 3.33 7.21
C ALA B 92 -29.56 3.50 5.84
N MET B 93 -28.39 2.84 5.65
CA MET B 93 -27.66 2.87 4.37
C MET B 93 -28.44 2.15 3.28
N PHE B 94 -29.05 0.99 3.60
CA PHE B 94 -29.85 0.27 2.61
C PHE B 94 -31.02 1.15 2.17
N ARG B 95 -31.76 1.73 3.14
CA ARG B 95 -32.91 2.62 2.92
C ARG B 95 -32.53 3.72 1.92
N GLU B 96 -31.44 4.39 2.22
CA GLU B 96 -30.86 5.51 1.50
C GLU B 96 -30.21 5.19 0.14
N ARG B 97 -29.61 3.97 -0.04
CA ARG B 97 -28.84 3.66 -1.25
C ARG B 97 -29.24 2.43 -2.09
N HIS B 98 -30.21 1.60 -1.65
CA HIS B 98 -30.58 0.35 -2.34
C HIS B 98 -30.76 0.44 -3.87
N ILE B 99 -31.38 1.53 -4.39
CA ILE B 99 -31.61 1.71 -5.84
C ILE B 99 -30.29 1.74 -6.59
N GLU B 100 -29.44 2.74 -6.25
CA GLU B 100 -28.09 3.02 -6.75
C GLU B 100 -27.20 1.77 -6.58
N TRP B 101 -27.29 1.09 -5.41
CA TRP B 101 -26.53 -0.10 -5.05
C TRP B 101 -26.82 -1.27 -5.99
N GLN B 102 -28.12 -1.63 -6.16
CA GLN B 102 -28.63 -2.68 -7.05
C GLN B 102 -28.26 -2.46 -8.52
N GLY B 103 -28.44 -1.22 -8.99
CA GLY B 103 -28.15 -0.82 -10.37
C GLY B 103 -26.68 -0.85 -10.71
N ASN B 104 -25.84 -0.51 -9.73
CA ASN B 104 -24.39 -0.57 -9.85
C ASN B 104 -23.95 -2.04 -9.84
N ALA B 105 -24.59 -2.87 -9.00
CA ALA B 105 -24.30 -4.31 -8.89
C ALA B 105 -24.59 -5.00 -10.23
N ILE B 106 -25.70 -4.62 -10.91
CA ILE B 106 -26.09 -5.10 -12.25
C ILE B 106 -25.02 -4.70 -13.27
N ARG B 107 -24.61 -3.44 -13.25
CA ARG B 107 -23.62 -2.88 -14.17
C ARG B 107 -22.27 -3.52 -14.01
N LEU B 108 -21.83 -3.72 -12.76
CA LEU B 108 -20.56 -4.39 -12.47
C LEU B 108 -20.59 -5.82 -13.04
N GLU B 109 -21.69 -6.58 -12.80
CA GLU B 109 -21.86 -7.94 -13.32
C GLU B 109 -21.78 -7.96 -14.84
N ARG B 110 -22.49 -7.03 -15.48
CA ARG B 110 -22.54 -6.88 -16.93
C ARG B 110 -21.15 -6.63 -17.48
N GLN B 111 -20.36 -5.74 -16.86
CA GLN B 111 -19.00 -5.44 -17.31
C GLN B 111 -18.03 -6.61 -17.08
N LEU B 112 -18.20 -7.33 -15.96
CA LEU B 112 -17.37 -8.50 -15.63
C LEU B 112 -17.53 -9.64 -16.61
N ASN B 113 -18.75 -9.85 -17.13
CA ASN B 113 -19.07 -10.92 -18.06
C ASN B 113 -19.04 -10.51 -19.54
N THR B 114 -18.62 -9.28 -19.88
CA THR B 114 -18.54 -8.82 -21.27
C THR B 114 -17.12 -9.11 -21.83
N GLY B 115 -16.11 -8.91 -20.98
CA GLY B 115 -14.73 -9.20 -21.33
C GLY B 115 -14.41 -10.69 -21.29
N HIS C 8 -1.97 4.50 -13.45
CA HIS C 8 -0.88 4.30 -14.40
C HIS C 8 -1.30 3.34 -15.56
N HIS C 9 -0.44 2.35 -15.90
CA HIS C 9 -0.66 1.34 -16.95
C HIS C 9 -1.06 0.02 -16.27
N HIS C 10 -1.44 0.09 -14.98
CA HIS C 10 -1.92 -0.99 -14.13
C HIS C 10 -3.25 -0.55 -13.49
N SER C 11 -3.98 -1.49 -12.90
CA SER C 11 -5.26 -1.22 -12.25
C SER C 11 -5.11 -0.18 -11.11
N SER C 12 -6.13 0.66 -10.94
CA SER C 12 -6.21 1.64 -9.88
C SER C 12 -6.45 0.99 -8.50
N GLY C 13 -6.72 -0.31 -8.48
CA GLY C 13 -6.93 -1.10 -7.27
C GLY C 13 -5.62 -1.63 -6.73
N LEU C 14 -4.54 -1.47 -7.51
CA LEU C 14 -3.18 -1.85 -7.16
C LEU C 14 -2.36 -0.57 -6.95
N VAL C 15 -1.54 -0.56 -5.92
CA VAL C 15 -0.62 0.56 -5.64
C VAL C 15 0.81 0.02 -5.49
N PRO C 16 1.85 0.87 -5.70
CA PRO C 16 3.22 0.36 -5.50
C PRO C 16 3.43 -0.03 -4.05
N ARG C 17 4.12 -1.13 -3.83
CA ARG C 17 4.52 -1.58 -2.52
C ARG C 17 5.50 -0.52 -1.98
N GLY C 18 5.28 -0.14 -0.74
CA GLY C 18 6.07 0.85 -0.04
C GLY C 18 7.18 0.20 0.73
N SER C 19 8.16 1.01 1.14
CA SER C 19 9.32 0.61 1.92
C SER C 19 9.60 1.71 2.94
N HIS C 20 10.10 1.34 4.11
CA HIS C 20 10.51 2.30 5.13
C HIS C 20 11.77 3.09 4.70
N MET C 21 12.48 2.57 3.68
CA MET C 21 13.64 3.22 3.07
C MET C 21 13.26 4.44 2.23
N PHE C 22 11.97 4.57 1.86
CA PHE C 22 11.46 5.66 1.02
C PHE C 22 10.09 6.14 1.48
N LEU C 23 10.03 7.24 2.23
CA LEU C 23 8.76 7.76 2.72
C LEU C 23 8.25 8.84 1.81
N THR C 24 6.97 8.80 1.46
CA THR C 24 6.37 9.77 0.54
C THR C 24 5.19 10.46 1.24
N PHE C 25 5.21 11.80 1.23
CA PHE C 25 4.21 12.66 1.86
C PHE C 25 3.49 13.42 0.77
N PRO C 26 2.22 12.97 0.53
CA PRO C 26 1.46 13.45 -0.64
C PRO C 26 0.92 14.87 -0.61
N ASN C 27 0.34 15.28 0.50
CA ASN C 27 -0.32 16.58 0.61
C ASN C 27 0.58 17.66 1.21
N VAL C 28 1.85 17.70 0.79
CA VAL C 28 2.79 18.71 1.29
C VAL C 28 2.53 20.03 0.56
N ALA C 29 2.15 21.06 1.32
CA ALA C 29 1.88 22.38 0.74
C ALA C 29 3.14 23.19 0.50
N ILE C 30 3.15 23.93 -0.62
CA ILE C 30 4.21 24.86 -1.00
C ILE C 30 3.78 26.27 -0.53
N THR C 31 4.76 27.10 -0.14
CA THR C 31 4.56 28.47 0.32
C THR C 31 4.83 29.40 -0.87
N ARG C 32 4.53 30.70 -0.73
CA ARG C 32 4.77 31.70 -1.79
C ARG C 32 6.27 31.85 -2.12
N ASP C 33 7.16 31.43 -1.17
CA ASP C 33 8.63 31.42 -1.31
C ASP C 33 9.11 30.28 -2.22
N ASN C 34 8.17 29.41 -2.70
CA ASN C 34 8.47 28.20 -3.50
C ASN C 34 9.25 27.21 -2.58
N ARG C 35 8.77 27.10 -1.33
CA ARG C 35 9.35 26.29 -0.26
C ARG C 35 8.29 25.43 0.38
N ILE C 36 8.70 24.33 1.03
CA ILE C 36 7.78 23.45 1.76
C ILE C 36 7.19 24.17 2.97
N ASP C 37 5.94 23.86 3.29
CA ASP C 37 5.34 24.39 4.49
C ASP C 37 5.64 23.41 5.63
N LYS C 38 5.11 23.66 6.82
CA LYS C 38 5.32 22.79 7.96
C LYS C 38 4.57 21.46 7.76
N LEU C 39 5.25 20.35 8.06
CA LEU C 39 4.68 19.02 7.98
C LEU C 39 3.94 18.79 9.30
N SER C 40 3.00 17.82 9.32
CA SER C 40 2.26 17.50 10.54
C SER C 40 3.22 16.85 11.57
N GLU C 41 2.84 16.81 12.85
CA GLU C 41 3.64 16.18 13.87
C GLU C 41 3.74 14.67 13.67
N ASN C 42 2.66 14.05 13.17
CA ASN C 42 2.63 12.61 12.85
C ASN C 42 3.65 12.29 11.72
N ASP C 43 3.76 13.19 10.71
CA ASP C 43 4.69 13.06 9.59
C ASP C 43 6.14 13.17 10.07
N LEU C 44 6.44 14.18 10.91
CA LEU C 44 7.76 14.38 11.52
C LEU C 44 8.14 13.21 12.43
N GLU C 45 7.18 12.68 13.20
CA GLU C 45 7.43 11.51 14.06
C GLU C 45 7.71 10.26 13.25
N LEU C 46 6.99 10.09 12.14
CA LEU C 46 7.24 8.96 11.24
C LEU C 46 8.68 9.05 10.65
N ILE C 47 9.08 10.26 10.22
CA ILE C 47 10.43 10.47 9.66
C ILE C 47 11.50 10.16 10.72
N ARG C 48 11.35 10.75 11.93
CA ARG C 48 12.23 10.58 13.08
C ARG C 48 12.37 9.11 13.47
N ASP C 49 11.24 8.41 13.73
CA ASP C 49 11.23 6.98 14.08
C ASP C 49 11.91 6.11 13.03
N THR C 50 11.62 6.35 11.74
CA THR C 50 12.21 5.58 10.64
C THR C 50 13.73 5.81 10.56
N ALA C 51 14.18 7.07 10.67
CA ALA C 51 15.61 7.39 10.64
C ALA C 51 16.33 6.73 11.85
N ILE C 52 15.70 6.76 13.06
CA ILE C 52 16.24 6.14 14.29
C ILE C 52 16.44 4.61 14.12
N GLN C 53 15.45 3.92 13.52
CA GLN C 53 15.50 2.47 13.29
C GLN C 53 16.51 2.06 12.24
N ASN C 54 17.01 3.05 11.47
CA ASN C 54 18.01 2.81 10.42
C ASN C 54 19.43 3.15 10.91
N GLY C 55 19.55 3.42 12.21
CA GLY C 55 20.77 3.74 12.96
C GLY C 55 21.85 4.54 12.28
N GLY C 56 21.52 5.77 11.90
CA GLY C 56 22.45 6.70 11.27
C GLY C 56 22.59 6.56 9.77
N ARG C 57 22.04 5.48 9.17
CA ARG C 57 22.07 5.28 7.72
C ARG C 57 20.89 6.05 7.14
N LYS C 58 21.11 6.61 5.98
CA LYS C 58 20.12 7.43 5.29
C LYS C 58 18.86 6.71 4.81
N ILE C 59 17.73 7.38 5.01
CA ILE C 59 16.42 7.00 4.47
C ILE C 59 16.08 8.10 3.47
N GLN C 60 15.19 7.83 2.52
CA GLN C 60 14.76 8.85 1.56
C GLN C 60 13.36 9.32 1.87
N VAL C 61 13.15 10.63 1.71
CA VAL C 61 11.86 11.28 1.96
C VAL C 61 11.49 12.09 0.71
N GLN C 62 10.32 11.81 0.16
CA GLN C 62 9.80 12.54 -1.01
C GLN C 62 8.76 13.52 -0.51
N LEU C 63 9.04 14.78 -0.75
CA LEU C 63 8.19 15.91 -0.41
C LEU C 63 7.93 16.57 -1.76
N ARG C 64 6.64 16.58 -2.18
CA ARG C 64 6.24 17.08 -3.49
C ARG C 64 7.03 16.31 -4.56
N ASP C 65 7.86 16.99 -5.37
CA ASP C 65 8.59 16.30 -6.44
C ASP C 65 10.11 16.19 -6.18
N LEU C 66 10.56 16.54 -4.97
CA LEU C 66 11.99 16.41 -4.65
C LEU C 66 12.25 15.33 -3.60
N LEU C 67 13.45 14.71 -3.67
CA LEU C 67 13.92 13.67 -2.76
C LEU C 67 14.94 14.23 -1.79
N TYR C 68 14.79 13.87 -0.52
CA TYR C 68 15.63 14.28 0.61
C TYR C 68 16.17 13.07 1.32
N GLU C 69 17.42 13.15 1.79
CA GLU C 69 18.07 12.09 2.53
C GLU C 69 18.09 12.48 3.98
N VAL C 70 17.58 11.62 4.86
CA VAL C 70 17.53 11.95 6.28
C VAL C 70 18.18 10.81 7.07
N SER C 71 18.98 11.19 8.08
CA SER C 71 19.61 10.28 9.03
C SER C 71 19.59 10.87 10.41
N ASN C 72 19.64 10.02 11.42
CA ASN C 72 19.72 10.49 12.81
C ASN C 72 21.20 10.38 13.19
N ARG C 73 21.57 10.61 14.47
CA ARG C 73 22.97 10.53 14.90
C ARG C 73 23.83 11.53 14.10
N ALA C 74 23.32 12.79 13.95
CA ALA C 74 24.02 13.87 13.25
C ALA C 74 25.21 14.29 14.12
N VAL C 75 25.06 14.20 15.46
CA VAL C 75 26.08 14.46 16.49
C VAL C 75 26.19 13.28 17.45
N GLU C 76 27.40 13.08 18.02
CA GLU C 76 27.70 12.06 19.01
C GLU C 76 26.96 12.37 20.29
N GLY C 77 26.54 11.34 21.01
CA GLY C 77 25.87 11.47 22.31
C GLY C 77 24.36 11.54 22.29
N ASP C 78 23.82 12.11 21.21
CA ASP C 78 22.38 12.27 21.07
C ASP C 78 21.92 11.70 19.73
N ASN C 79 21.27 10.52 19.83
CA ASN C 79 20.74 9.75 18.69
C ASN C 79 19.54 10.43 18.05
N ASN C 80 18.82 11.29 18.82
CA ASN C 80 17.68 12.06 18.32
C ASN C 80 18.07 13.44 17.79
N THR C 81 19.10 13.46 16.91
CA THR C 81 19.59 14.63 16.17
C THR C 81 19.54 14.22 14.70
N PHE C 82 18.87 15.04 13.86
CA PHE C 82 18.64 14.68 12.46
C PHE C 82 19.31 15.62 11.48
N LYS C 83 19.91 15.02 10.44
CA LYS C 83 20.57 15.70 9.33
C LYS C 83 19.78 15.44 8.02
N VAL C 84 19.57 16.50 7.24
CA VAL C 84 18.89 16.45 5.96
C VAL C 84 19.87 16.92 4.89
N SER C 85 20.06 16.07 3.87
CA SER C 85 20.87 16.32 2.70
C SER C 85 20.07 15.89 1.46
N PHE C 86 20.68 15.99 0.29
CA PHE C 86 20.08 15.57 -0.97
C PHE C 86 21.18 15.26 -1.95
N SER C 87 20.92 14.36 -2.88
CA SER C 87 21.91 13.99 -3.90
C SER C 87 21.20 13.62 -5.17
N THR C 88 21.84 13.91 -6.30
CA THR C 88 21.30 13.57 -7.62
C THR C 88 22.42 13.29 -8.64
N THR C 89 22.06 12.45 -9.59
CA THR C 89 22.82 11.98 -10.73
C THR C 89 22.17 12.62 -12.00
N ASP C 90 21.63 13.87 -11.83
CA ASP C 90 20.93 14.66 -12.84
C ASP C 90 21.38 16.12 -12.72
N ARG C 91 22.34 16.52 -13.60
CA ARG C 91 22.91 17.88 -13.65
C ARG C 91 21.89 18.95 -14.00
N ALA C 92 20.92 18.63 -14.89
CA ALA C 92 19.85 19.52 -15.33
C ALA C 92 18.94 19.86 -14.16
N MET C 93 18.51 18.84 -13.37
CA MET C 93 17.66 19.03 -12.19
C MET C 93 18.39 19.81 -11.11
N PHE C 94 19.67 19.48 -10.87
CA PHE C 94 20.44 20.18 -9.85
C PHE C 94 20.62 21.62 -10.23
N ARG C 95 21.09 21.88 -11.47
CA ARG C 95 21.31 23.22 -12.04
C ARG C 95 20.09 24.13 -11.81
N GLU C 96 18.88 23.65 -12.20
CA GLU C 96 17.62 24.40 -12.07
C GLU C 96 17.02 24.45 -10.64
N ARG C 97 17.10 23.34 -9.83
CA ARG C 97 16.42 23.29 -8.52
C ARG C 97 17.27 23.45 -7.27
N HIS C 98 18.63 23.46 -7.36
CA HIS C 98 19.55 23.41 -6.21
C HIS C 98 19.25 24.39 -5.10
N ILE C 99 18.88 25.66 -5.41
CA ILE C 99 18.57 26.70 -4.40
C ILE C 99 17.34 26.34 -3.59
N GLU C 100 16.26 25.97 -4.30
CA GLU C 100 14.97 25.57 -3.77
C GLU C 100 15.10 24.26 -2.93
N TRP C 101 15.81 23.28 -3.48
CA TRP C 101 16.10 21.98 -2.88
C TRP C 101 16.83 22.16 -1.53
N GLN C 102 17.89 23.01 -1.51
CA GLN C 102 18.69 23.38 -0.33
C GLN C 102 17.86 24.04 0.76
N GLY C 103 17.00 24.99 0.39
CA GLY C 103 16.12 25.71 1.31
C GLY C 103 15.06 24.83 1.95
N ASN C 104 14.59 23.84 1.18
CA ASN C 104 13.61 22.86 1.66
C ASN C 104 14.30 21.89 2.61
N ALA C 105 15.54 21.45 2.26
CA ALA C 105 16.36 20.60 3.12
C ALA C 105 16.59 21.26 4.50
N ILE C 106 16.90 22.59 4.51
CA ILE C 106 17.09 23.39 5.73
C ILE C 106 15.81 23.36 6.56
N ARG C 107 14.66 23.61 5.90
CA ARG C 107 13.34 23.64 6.53
C ARG C 107 12.97 22.32 7.14
N LEU C 108 13.20 21.24 6.40
CA LEU C 108 12.93 19.88 6.88
C LEU C 108 13.78 19.58 8.13
N GLU C 109 15.09 19.90 8.08
CA GLU C 109 16.01 19.72 9.21
C GLU C 109 15.56 20.50 10.44
N ARG C 110 15.18 21.78 10.24
CA ARG C 110 14.67 22.66 11.27
C ARG C 110 13.45 22.06 11.94
N GLN C 111 12.49 21.54 11.15
CA GLN C 111 11.27 20.93 11.68
C GLN C 111 11.55 19.61 12.42
N LEU C 112 12.49 18.80 11.91
CA LEU C 112 12.88 17.52 12.52
C LEU C 112 13.53 17.67 13.90
N ASN C 113 14.31 18.76 14.08
CA ASN C 113 15.01 19.00 15.34
C ASN C 113 14.29 19.96 16.29
N THR C 114 13.04 20.36 16.00
CA THR C 114 12.26 21.26 16.86
C THR C 114 11.36 20.44 17.82
N GLY C 115 10.68 19.43 17.26
CA GLY C 115 9.77 18.58 18.02
C GLY C 115 8.46 19.24 18.39
N HIS D 8 9.38 -1.39 14.24
CA HIS D 8 8.47 -0.30 13.84
C HIS D 8 7.55 0.16 15.00
N HIS D 9 7.42 1.48 15.16
CA HIS D 9 6.56 2.08 16.20
C HIS D 9 5.17 2.44 15.65
N HIS D 10 4.70 1.64 14.69
CA HIS D 10 3.38 1.73 14.12
C HIS D 10 2.79 0.32 13.97
N SER D 11 1.47 0.26 13.91
CA SER D 11 0.69 -0.96 13.74
C SER D 11 1.07 -1.71 12.46
N SER D 12 1.02 -3.04 12.50
CA SER D 12 1.26 -3.92 11.36
C SER D 12 0.10 -3.84 10.31
N GLY D 13 -0.99 -3.15 10.64
CA GLY D 13 -2.12 -2.90 9.74
C GLY D 13 -1.91 -1.65 8.89
N LEU D 14 -0.83 -0.92 9.20
CA LEU D 14 -0.39 0.26 8.46
C LEU D 14 0.91 -0.09 7.72
N VAL D 15 1.01 0.32 6.47
CA VAL D 15 2.24 0.11 5.68
C VAL D 15 2.71 1.47 5.13
N PRO D 16 3.99 1.66 4.78
CA PRO D 16 4.39 2.95 4.19
C PRO D 16 3.67 3.13 2.86
N ARG D 17 3.23 4.36 2.58
CA ARG D 17 2.65 4.68 1.29
C ARG D 17 3.77 4.49 0.26
N GLY D 18 3.42 3.85 -0.84
CA GLY D 18 4.32 3.60 -1.95
C GLY D 18 4.29 4.71 -2.98
N SER D 19 5.34 4.76 -3.79
CA SER D 19 5.50 5.72 -4.86
C SER D 19 6.05 5.00 -6.08
N HIS D 20 5.65 5.46 -7.26
CA HIS D 20 6.16 4.92 -8.52
C HIS D 20 7.63 5.28 -8.72
N MET D 21 8.14 6.26 -7.95
CA MET D 21 9.53 6.70 -7.93
C MET D 21 10.44 5.68 -7.27
N PHE D 22 9.86 4.75 -6.49
CA PHE D 22 10.62 3.73 -5.75
C PHE D 22 9.91 2.37 -5.76
N LEU D 23 10.36 1.45 -6.63
CA LEU D 23 9.73 0.14 -6.70
C LEU D 23 10.50 -0.87 -5.87
N THR D 24 9.80 -1.67 -5.06
CA THR D 24 10.47 -2.65 -4.20
C THR D 24 9.96 -4.05 -4.57
N PHE D 25 10.88 -4.96 -4.82
CA PHE D 25 10.58 -6.35 -5.19
C PHE D 25 11.12 -7.23 -4.07
N PRO D 26 10.15 -7.76 -3.26
CA PRO D 26 10.50 -8.47 -2.01
C PRO D 26 11.11 -9.87 -2.13
N ASN D 27 10.52 -10.70 -2.98
CA ASN D 27 10.91 -12.09 -3.13
C ASN D 27 11.87 -12.29 -4.29
N VAL D 28 12.92 -11.44 -4.38
CA VAL D 28 13.89 -11.55 -5.47
C VAL D 28 14.86 -12.67 -5.17
N ALA D 29 14.81 -13.66 -6.07
CA ALA D 29 15.63 -14.85 -6.05
C ALA D 29 17.11 -14.49 -6.23
N ILE D 30 17.93 -15.11 -5.42
CA ILE D 30 19.39 -14.95 -5.42
C ILE D 30 19.96 -16.22 -6.04
N THR D 31 20.84 -16.06 -7.04
CA THR D 31 21.54 -17.15 -7.73
C THR D 31 22.64 -17.66 -6.77
N ARG D 32 23.17 -18.88 -7.02
CA ARG D 32 24.25 -19.47 -6.19
C ARG D 32 25.46 -18.52 -6.07
N ASP D 33 25.68 -17.69 -7.10
CA ASP D 33 26.79 -16.73 -7.29
C ASP D 33 26.64 -15.37 -6.58
N ASN D 34 25.63 -15.21 -5.67
CA ASN D 34 25.34 -13.98 -4.91
C ASN D 34 24.75 -12.86 -5.82
N ARG D 35 24.30 -13.24 -7.01
CA ARG D 35 23.70 -12.30 -7.95
C ARG D 35 22.18 -12.47 -7.99
N ILE D 36 21.48 -11.51 -8.61
CA ILE D 36 20.02 -11.53 -8.79
C ILE D 36 19.66 -12.58 -9.86
N ASP D 37 18.61 -13.35 -9.63
CA ASP D 37 18.14 -14.31 -10.62
C ASP D 37 17.18 -13.55 -11.56
N LYS D 38 16.54 -14.28 -12.49
CA LYS D 38 15.60 -13.71 -13.45
C LYS D 38 14.33 -13.22 -12.71
N LEU D 39 13.96 -11.92 -12.87
CA LEU D 39 12.74 -11.35 -12.30
C LEU D 39 11.58 -11.86 -13.13
N SER D 40 10.35 -11.84 -12.58
CA SER D 40 9.18 -12.27 -13.34
C SER D 40 8.91 -11.29 -14.51
N GLU D 41 8.13 -11.71 -15.51
CA GLU D 41 7.76 -10.85 -16.62
C GLU D 41 6.90 -9.67 -16.16
N ASN D 42 6.02 -9.90 -15.15
CA ASN D 42 5.17 -8.85 -14.57
C ASN D 42 6.03 -7.80 -13.88
N ASP D 43 7.10 -8.23 -13.17
CA ASP D 43 8.05 -7.35 -12.49
C ASP D 43 8.79 -6.46 -13.50
N LEU D 44 9.31 -7.07 -14.58
CA LEU D 44 10.02 -6.37 -15.67
C LEU D 44 9.08 -5.40 -16.39
N GLU D 45 7.82 -5.81 -16.64
CA GLU D 45 6.79 -5.00 -17.28
C GLU D 45 6.46 -3.78 -16.40
N LEU D 46 6.36 -3.98 -15.05
CA LEU D 46 6.12 -2.90 -14.10
C LEU D 46 7.29 -1.89 -14.14
N ILE D 47 8.55 -2.39 -14.12
CA ILE D 47 9.74 -1.52 -14.17
C ILE D 47 9.74 -0.71 -15.46
N ARG D 48 9.54 -1.39 -16.62
CA ARG D 48 9.50 -0.80 -17.95
C ARG D 48 8.43 0.29 -18.05
N ASP D 49 7.15 -0.04 -17.73
CA ASP D 49 6.02 0.90 -17.75
C ASP D 49 6.25 2.11 -16.84
N THR D 50 6.78 1.90 -15.64
CA THR D 50 7.07 2.98 -14.69
C THR D 50 8.19 3.89 -15.23
N ALA D 51 9.29 3.32 -15.75
CA ALA D 51 10.38 4.10 -16.33
C ALA D 51 9.87 4.91 -17.54
N ILE D 52 9.02 4.29 -18.41
CA ILE D 52 8.41 4.95 -19.56
C ILE D 52 7.60 6.19 -19.11
N GLN D 53 6.70 6.00 -18.11
CA GLN D 53 5.84 7.05 -17.56
C GLN D 53 6.61 8.20 -16.96
N ASN D 54 7.89 7.99 -16.62
CA ASN D 54 8.78 9.00 -16.04
C ASN D 54 9.69 9.66 -17.07
N GLY D 55 9.39 9.42 -18.35
CA GLY D 55 10.04 9.99 -19.52
C GLY D 55 11.53 10.25 -19.49
N GLY D 56 12.32 9.19 -19.30
CA GLY D 56 13.78 9.29 -19.31
C GLY D 56 14.41 9.69 -18.00
N ARG D 57 13.59 10.20 -17.05
CA ARG D 57 14.05 10.53 -15.70
C ARG D 57 14.13 9.24 -14.91
N LYS D 58 15.14 9.13 -14.05
CA LYS D 58 15.37 7.95 -13.24
C LYS D 58 14.30 7.63 -12.18
N ILE D 59 14.02 6.34 -12.04
CA ILE D 59 13.18 5.77 -10.99
C ILE D 59 14.14 4.89 -10.18
N GLN D 60 13.80 4.59 -8.92
CA GLN D 60 14.62 3.70 -8.10
C GLN D 60 13.96 2.34 -7.95
N VAL D 61 14.77 1.29 -7.95
CA VAL D 61 14.31 -0.08 -7.86
C VAL D 61 15.14 -0.77 -6.77
N GLN D 62 14.44 -1.32 -5.75
CA GLN D 62 15.07 -2.02 -4.66
C GLN D 62 14.91 -3.50 -4.90
N LEU D 63 16.05 -4.17 -5.08
CA LEU D 63 16.13 -5.61 -5.31
C LEU D 63 16.93 -6.06 -4.12
N ARG D 64 16.22 -6.73 -3.20
CA ARG D 64 16.75 -7.18 -1.90
C ARG D 64 17.20 -5.97 -1.10
N ASP D 65 18.51 -5.84 -0.84
CA ASP D 65 19.00 -4.73 -0.04
C ASP D 65 19.78 -3.68 -0.86
N LEU D 66 19.83 -3.80 -2.19
CA LEU D 66 20.51 -2.80 -3.00
C LEU D 66 19.53 -1.98 -3.84
N LEU D 67 19.90 -0.70 -4.11
CA LEU D 67 19.12 0.24 -4.89
C LEU D 67 19.74 0.40 -6.27
N TYR D 68 18.88 0.40 -7.29
CA TYR D 68 19.23 0.56 -8.70
C TYR D 68 18.44 1.72 -9.28
N GLU D 69 19.05 2.46 -10.20
CA GLU D 69 18.42 3.59 -10.89
C GLU D 69 18.12 3.13 -12.29
N VAL D 70 16.85 3.27 -12.72
CA VAL D 70 16.47 2.83 -14.05
C VAL D 70 15.73 3.95 -14.78
N SER D 71 16.05 4.10 -16.08
CA SER D 71 15.41 5.06 -16.97
C SER D 71 15.22 4.44 -18.34
N ASN D 72 14.20 4.88 -19.05
CA ASN D 72 14.00 4.52 -20.45
C ASN D 72 14.72 5.64 -21.27
N ARG D 73 14.51 5.69 -22.62
CA ARG D 73 15.19 6.67 -23.49
C ARG D 73 16.71 6.57 -23.29
N ALA D 74 17.24 5.34 -23.26
CA ALA D 74 18.66 5.09 -23.07
C ALA D 74 19.41 5.62 -24.33
N VAL D 75 18.75 5.50 -25.49
CA VAL D 75 19.20 5.99 -26.80
C VAL D 75 18.04 6.75 -27.46
N GLU D 76 18.37 7.75 -28.31
CA GLU D 76 17.40 8.53 -29.09
C GLU D 76 16.81 7.62 -30.16
N GLY D 77 15.56 7.86 -30.53
CA GLY D 77 14.87 7.09 -31.54
C GLY D 77 14.01 5.96 -30.99
N ASP D 78 14.46 5.35 -29.90
CA ASP D 78 13.74 4.23 -29.28
C ASP D 78 13.55 4.51 -27.78
N ASN D 79 12.31 4.84 -27.40
CA ASN D 79 11.95 5.17 -26.01
C ASN D 79 11.92 3.92 -25.11
N ASN D 80 11.76 2.71 -25.73
CA ASN D 80 11.73 1.44 -25.02
C ASN D 80 13.11 0.78 -24.96
N THR D 81 14.11 1.58 -24.55
CA THR D 81 15.49 1.16 -24.30
C THR D 81 15.77 1.56 -22.85
N PHE D 82 16.27 0.61 -22.06
CA PHE D 82 16.45 0.88 -20.63
C PHE D 82 17.87 0.82 -20.17
N LYS D 83 18.26 1.79 -19.34
CA LYS D 83 19.57 1.90 -18.72
C LYS D 83 19.47 1.69 -17.20
N VAL D 84 20.41 0.91 -16.65
CA VAL D 84 20.50 0.63 -15.21
C VAL D 84 21.83 1.14 -14.72
N SER D 85 21.78 1.96 -13.67
CA SER D 85 22.93 2.51 -12.96
C SER D 85 22.66 2.43 -11.46
N PHE D 86 23.59 2.90 -10.64
CA PHE D 86 23.45 2.92 -9.19
C PHE D 86 24.33 4.02 -8.64
N SER D 87 23.93 4.58 -7.50
CA SER D 87 24.69 5.63 -6.81
C SER D 87 24.45 5.57 -5.32
N THR D 88 25.42 6.10 -4.52
CA THR D 88 25.37 6.24 -3.05
C THR D 88 26.20 7.40 -2.53
N THR D 89 25.87 7.83 -1.31
CA THR D 89 26.55 8.85 -0.51
C THR D 89 27.29 8.11 0.65
N ASP D 90 27.51 6.78 0.46
CA ASP D 90 28.18 5.89 1.41
C ASP D 90 29.31 5.12 0.73
N ARG D 91 30.56 5.48 1.07
CA ARG D 91 31.78 4.85 0.54
C ARG D 91 31.98 3.43 1.06
N ALA D 92 31.51 3.15 2.31
CA ALA D 92 31.58 1.85 2.96
C ALA D 92 30.77 0.77 2.20
N MET D 93 29.66 1.19 1.56
CA MET D 93 28.79 0.32 0.74
C MET D 93 29.51 -0.03 -0.56
N PHE D 94 29.96 1.01 -1.29
CA PHE D 94 30.70 0.94 -2.56
C PHE D 94 31.98 0.10 -2.45
N ARG D 95 32.57 0.06 -1.23
CA ARG D 95 33.77 -0.70 -0.87
C ARG D 95 33.42 -2.20 -0.84
N ARG D 97 31.91 -4.45 -2.57
CA ARG D 97 30.51 -4.70 -2.91
C ARG D 97 30.08 -4.05 -4.24
N HIS D 98 30.96 -3.22 -4.85
CA HIS D 98 30.76 -2.57 -6.15
C HIS D 98 30.60 -3.67 -7.22
N ILE D 99 31.42 -4.74 -7.12
CA ILE D 99 31.48 -5.89 -8.02
C ILE D 99 30.16 -6.67 -8.12
N GLU D 100 29.42 -6.81 -6.99
CA GLU D 100 28.16 -7.53 -6.98
C GLU D 100 26.99 -6.61 -7.44
N TRP D 101 26.97 -5.33 -6.97
CA TRP D 101 26.03 -4.26 -7.32
C TRP D 101 26.06 -4.02 -8.85
N GLN D 102 27.29 -3.91 -9.43
CA GLN D 102 27.53 -3.74 -10.87
C GLN D 102 27.03 -4.94 -11.69
N GLY D 103 27.28 -6.16 -11.20
CA GLY D 103 26.90 -7.42 -11.84
C GLY D 103 25.40 -7.62 -11.89
N ASN D 104 24.71 -7.15 -10.82
CA ASN D 104 23.25 -7.18 -10.72
C ASN D 104 22.65 -6.11 -11.63
N ALA D 105 23.29 -4.91 -11.67
CA ALA D 105 22.89 -3.80 -12.54
C ALA D 105 22.93 -4.23 -14.02
N ILE D 106 23.99 -4.99 -14.44
CA ILE D 106 24.14 -5.54 -15.80
C ILE D 106 23.00 -6.51 -16.09
N ARG D 107 22.73 -7.42 -15.16
CA ARG D 107 21.69 -8.45 -15.27
C ARG D 107 20.31 -7.84 -15.39
N LEU D 108 20.02 -6.82 -14.55
CA LEU D 108 18.74 -6.11 -14.60
C LEU D 108 18.56 -5.45 -15.98
N GLU D 109 19.61 -4.75 -16.48
CA GLU D 109 19.59 -4.10 -17.80
C GLU D 109 19.34 -5.12 -18.92
N ARG D 110 20.04 -6.24 -18.87
CA ARG D 110 19.91 -7.33 -19.82
C ARG D 110 18.49 -7.88 -19.84
N GLN D 111 17.87 -8.09 -18.65
CA GLN D 111 16.49 -8.59 -18.57
C GLN D 111 15.48 -7.56 -19.07
N LEU D 112 15.71 -6.26 -18.77
CA LEU D 112 14.83 -5.16 -19.19
C LEU D 112 14.76 -4.97 -20.69
N ASN D 113 15.90 -5.21 -21.38
CA ASN D 113 16.01 -5.03 -22.84
C ASN D 113 15.86 -6.34 -23.65
N THR D 114 15.49 -7.45 -23.00
CA THR D 114 15.28 -8.74 -23.70
C THR D 114 13.81 -8.91 -24.14
#